data_1NYB
#
_entry.id   1NYB
#
loop_
_entity.id
_entity.type
_entity.pdbx_description
1 polymer 'BoxB RNA'
2 polymer 'Probable regulatory protein N'
#
loop_
_entity_poly.entity_id
_entity_poly.type
_entity_poly.pdbx_seq_one_letter_code
_entity_poly.pdbx_strand_id
1 'polyribonucleotide' GGUUCACCUCUAACCGGGUGAGCC B
2 'polypeptide(L)' ESKGTAKSRYKARRAELIAERR A
#
# COMPACT_ATOMS: atom_id res chain seq x y z
N GLU B 1 5.69 9.02 0.72
CA GLU B 1 6.08 10.20 1.52
C GLU B 1 5.83 9.96 3.01
N SER B 2 6.41 10.80 3.89
CA SER B 2 7.08 10.43 5.16
C SER B 2 6.25 9.88 6.32
N LYS B 3 5.01 9.46 6.06
CA LYS B 3 4.16 8.69 6.97
C LYS B 3 4.75 7.29 7.17
N GLY B 4 5.25 7.00 8.37
CA GLY B 4 5.36 5.63 8.88
C GLY B 4 4.00 5.06 9.33
N THR B 5 2.89 5.79 9.16
CA THR B 5 1.55 5.40 9.59
C THR B 5 1.08 4.09 8.94
N ALA B 6 0.14 3.41 9.59
CA ALA B 6 -0.47 2.19 9.07
C ALA B 6 -1.28 2.45 7.77
N LYS B 7 -1.86 3.65 7.60
CA LYS B 7 -2.56 4.06 6.37
C LYS B 7 -1.66 4.03 5.14
N SER B 8 -0.50 4.69 5.19
CA SER B 8 0.41 4.79 4.04
C SER B 8 1.15 3.49 3.72
N ARG B 9 1.46 2.67 4.74
CA ARG B 9 1.91 1.27 4.53
C ARG B 9 0.81 0.40 3.91
N TYR B 10 -0.43 0.50 4.39
CA TYR B 10 -1.55 -0.21 3.79
C TYR B 10 -1.78 0.20 2.34
N LYS B 11 -1.63 1.49 1.99
CA LYS B 11 -1.65 1.98 0.61
C LYS B 11 -0.55 1.36 -0.27
N ALA B 12 0.67 1.21 0.24
CA ALA B 12 1.72 0.44 -0.43
C ALA B 12 1.33 -1.03 -0.62
N ARG B 13 0.74 -1.67 0.41
CA ARG B 13 0.21 -3.04 0.35
C ARG B 13 -0.93 -3.21 -0.67
N ARG B 14 -1.83 -2.22 -0.78
CA ARG B 14 -2.87 -2.12 -1.84
C ARG B 14 -2.22 -2.06 -3.23
N ALA B 15 -1.23 -1.19 -3.44
CA ALA B 15 -0.45 -1.14 -4.69
C ALA B 15 0.26 -2.48 -5.04
N GLU B 16 0.79 -3.20 -4.05
CA GLU B 16 1.32 -4.56 -4.25
C GLU B 16 0.22 -5.59 -4.56
N LEU B 17 -0.96 -5.50 -3.93
CA LEU B 17 -2.14 -6.30 -4.32
C LEU B 17 -2.62 -5.96 -5.74
N ILE B 18 -2.44 -4.73 -6.23
CA ILE B 18 -2.80 -4.35 -7.61
C ILE B 18 -1.89 -5.06 -8.65
N ALA B 19 -0.70 -5.50 -8.25
CA ALA B 19 0.15 -6.44 -9.00
C ALA B 19 -0.24 -7.93 -8.81
N GLU B 20 -1.20 -8.27 -7.93
CA GLU B 20 -1.67 -9.64 -7.63
C GLU B 20 -3.22 -9.85 -7.57
N ARG B 21 -4.05 -8.85 -7.95
CA ARG B 21 -5.54 -8.78 -7.86
C ARG B 21 -6.26 -10.13 -8.01
N ARG B 22 -6.47 -10.52 -9.27
CA ARG B 22 -6.49 -11.84 -9.90
C ARG B 22 -7.18 -12.93 -9.06
N GLU B 1 6.12 15.66 7.02
CA GLU B 1 4.69 15.45 6.68
C GLU B 1 4.16 14.18 7.36
N SER B 2 2.87 14.17 7.71
CA SER B 2 2.20 13.09 8.49
C SER B 2 2.03 11.75 7.75
N LYS B 3 2.34 11.68 6.44
CA LYS B 3 2.12 10.55 5.49
C LYS B 3 2.95 9.27 5.76
N GLY B 4 3.35 9.01 7.00
CA GLY B 4 3.96 7.77 7.48
C GLY B 4 2.96 6.81 8.18
N THR B 5 1.66 7.11 8.12
CA THR B 5 0.57 6.38 8.81
C THR B 5 0.43 4.91 8.39
N ALA B 6 -0.25 4.11 9.21
CA ALA B 6 -0.69 2.76 8.85
C ALA B 6 -1.64 2.77 7.63
N LYS B 7 -2.42 3.84 7.41
CA LYS B 7 -3.21 4.08 6.19
C LYS B 7 -2.32 4.19 4.94
N SER B 8 -1.28 5.04 5.01
CA SER B 8 -0.30 5.22 3.93
C SER B 8 0.44 3.91 3.61
N ARG B 9 0.78 3.13 4.64
CA ARG B 9 1.38 1.79 4.53
C ARG B 9 0.42 0.75 3.94
N TYR B 10 -0.87 0.81 4.27
CA TYR B 10 -1.89 -0.06 3.70
C TYR B 10 -2.19 0.25 2.23
N LYS B 11 -2.21 1.53 1.82
CA LYS B 11 -2.26 1.96 0.42
C LYS B 11 -1.14 1.33 -0.42
N ALA B 12 0.10 1.35 0.08
CA ALA B 12 1.23 0.66 -0.56
C ALA B 12 0.99 -0.86 -0.70
N ARG B 13 0.51 -1.52 0.37
CA ARG B 13 0.19 -2.96 0.36
C ARG B 13 -1.00 -3.34 -0.53
N ARG B 14 -1.99 -2.47 -0.71
CA ARG B 14 -3.07 -2.59 -1.72
C ARG B 14 -2.50 -2.58 -3.15
N ALA B 15 -1.59 -1.65 -3.45
CA ALA B 15 -0.89 -1.61 -4.75
C ALA B 15 -0.06 -2.89 -5.02
N GLU B 16 0.56 -3.48 -4.00
CA GLU B 16 1.22 -4.80 -4.10
C GLU B 16 0.21 -5.95 -4.31
N LEU B 17 -0.90 -5.97 -3.56
CA LEU B 17 -1.97 -6.97 -3.67
C LEU B 17 -2.61 -7.02 -5.07
N ILE B 18 -2.68 -5.89 -5.77
CA ILE B 18 -3.16 -5.78 -7.16
C ILE B 18 -2.27 -6.53 -8.18
N ALA B 19 -1.03 -6.92 -7.82
CA ALA B 19 -0.21 -7.84 -8.61
C ALA B 19 -0.53 -9.34 -8.33
N GLU B 20 -1.14 -9.66 -7.18
CA GLU B 20 -1.47 -11.03 -6.75
C GLU B 20 -2.93 -11.43 -7.05
N ARG B 21 -3.87 -10.48 -6.92
CA ARG B 21 -5.30 -10.57 -7.30
C ARG B 21 -6.09 -11.71 -6.65
N ARG B 22 -5.62 -12.22 -5.50
CA ARG B 22 -6.26 -13.25 -4.66
C ARG B 22 -7.66 -12.84 -4.19
N GLU B 1 4.93 12.04 0.06
CA GLU B 1 5.87 11.91 1.20
C GLU B 1 6.22 10.44 1.46
N SER B 2 7.49 10.12 1.71
CA SER B 2 8.00 8.76 1.95
C SER B 2 7.74 8.25 3.39
N LYS B 3 6.52 8.44 3.89
CA LYS B 3 6.04 7.96 5.21
C LYS B 3 5.83 6.43 5.25
N GLY B 4 5.64 5.90 6.46
CA GLY B 4 5.62 4.45 6.75
C GLY B 4 4.67 4.05 7.88
N THR B 5 3.52 4.74 8.01
CA THR B 5 2.45 4.42 8.98
C THR B 5 1.74 3.10 8.64
N ALA B 6 0.85 2.61 9.52
CA ALA B 6 -0.02 1.46 9.21
C ALA B 6 -0.88 1.69 7.94
N LYS B 7 -1.36 2.94 7.74
CA LYS B 7 -2.06 3.39 6.52
C LYS B 7 -1.17 3.28 5.28
N SER B 8 0.08 3.75 5.39
CA SER B 8 1.11 3.68 4.33
C SER B 8 1.44 2.24 3.93
N ARG B 9 1.67 1.36 4.91
CA ARG B 9 1.95 -0.08 4.75
C ARG B 9 0.79 -0.80 4.05
N TYR B 10 -0.45 -0.55 4.48
CA TYR B 10 -1.66 -1.03 3.82
C TYR B 10 -1.75 -0.55 2.36
N LYS B 11 -1.57 0.75 2.08
CA LYS B 11 -1.61 1.30 0.72
C LYS B 11 -0.55 0.68 -0.21
N ALA B 12 0.66 0.46 0.29
CA ALA B 12 1.71 -0.30 -0.40
C ALA B 12 1.29 -1.75 -0.69
N ARG B 13 0.73 -2.46 0.30
CA ARG B 13 0.17 -3.83 0.17
C ARG B 13 -0.99 -3.92 -0.83
N ARG B 14 -1.87 -2.92 -0.90
CA ARG B 14 -2.89 -2.77 -1.95
C ARG B 14 -2.25 -2.67 -3.33
N ALA B 15 -1.28 -1.77 -3.52
CA ALA B 15 -0.52 -1.62 -4.77
C ALA B 15 0.20 -2.92 -5.21
N GLU B 16 0.81 -3.66 -4.29
CA GLU B 16 1.40 -4.98 -4.55
C GLU B 16 0.36 -6.02 -5.02
N LEU B 17 -0.87 -5.97 -4.49
CA LEU B 17 -1.99 -6.80 -4.93
C LEU B 17 -2.48 -6.41 -6.34
N ILE B 18 -2.77 -5.13 -6.60
CA ILE B 18 -3.26 -4.66 -7.92
C ILE B 18 -2.21 -4.77 -9.04
N ALA B 19 -0.93 -4.96 -8.73
CA ALA B 19 0.11 -5.33 -9.69
C ALA B 19 -0.02 -6.80 -10.19
N GLU B 20 -0.82 -7.64 -9.51
CA GLU B 20 -1.00 -9.09 -9.79
C GLU B 20 -2.47 -9.49 -9.99
N ARG B 21 -3.44 -8.66 -9.52
CA ARG B 21 -4.90 -8.86 -9.58
C ARG B 21 -5.34 -10.24 -9.03
N ARG B 22 -4.85 -10.55 -7.82
CA ARG B 22 -5.11 -11.79 -7.05
C ARG B 22 -6.60 -12.07 -6.85
N GLU B 1 9.80 7.67 2.07
CA GLU B 1 8.55 8.36 1.60
C GLU B 1 8.23 9.58 2.47
N SER B 2 7.57 10.59 1.89
CA SER B 2 7.20 11.84 2.57
C SER B 2 6.06 11.69 3.61
N LYS B 3 5.26 10.61 3.51
CA LYS B 3 4.09 10.34 4.37
C LYS B 3 4.45 9.47 5.58
N GLY B 4 4.60 8.16 5.39
CA GLY B 4 4.87 7.17 6.45
C GLY B 4 3.67 6.81 7.33
N THR B 5 2.47 7.34 7.04
CA THR B 5 1.25 7.09 7.84
C THR B 5 0.77 5.64 7.72
N ALA B 6 -0.11 5.22 8.65
CA ALA B 6 -0.74 3.90 8.61
C ALA B 6 -1.51 3.65 7.29
N LYS B 7 -2.24 4.67 6.79
CA LYS B 7 -2.90 4.63 5.48
C LYS B 7 -1.91 4.47 4.33
N SER B 8 -0.85 5.28 4.30
CA SER B 8 0.16 5.26 3.22
C SER B 8 0.92 3.93 3.15
N ARG B 9 1.33 3.38 4.31
CA ARG B 9 1.98 2.08 4.42
C ARG B 9 1.04 0.90 4.12
N TYR B 10 -0.26 1.00 4.45
CA TYR B 10 -1.26 0.04 3.98
C TYR B 10 -1.48 0.09 2.46
N LYS B 11 -1.52 1.29 1.86
CA LYS B 11 -1.66 1.49 0.41
C LYS B 11 -0.52 0.88 -0.41
N ALA B 12 0.68 0.73 0.16
CA ALA B 12 1.76 -0.07 -0.43
C ALA B 12 1.38 -1.55 -0.57
N ARG B 13 0.78 -2.15 0.47
CA ARG B 13 0.26 -3.54 0.47
C ARG B 13 -0.83 -3.73 -0.61
N ARG B 14 -1.76 -2.77 -0.70
CA ARG B 14 -2.80 -2.69 -1.75
C ARG B 14 -2.20 -2.67 -3.15
N ALA B 15 -1.24 -1.77 -3.41
CA ALA B 15 -0.55 -1.63 -4.69
C ALA B 15 0.18 -2.93 -5.11
N GLU B 16 0.90 -3.58 -4.18
CA GLU B 16 1.54 -4.88 -4.40
C GLU B 16 0.53 -5.98 -4.77
N LEU B 17 -0.61 -6.06 -4.08
CA LEU B 17 -1.70 -6.99 -4.41
C LEU B 17 -2.29 -6.72 -5.82
N ILE B 18 -2.57 -5.45 -6.14
CA ILE B 18 -3.10 -5.00 -7.44
C ILE B 18 -2.12 -5.25 -8.61
N ALA B 19 -0.82 -5.38 -8.35
CA ALA B 19 0.18 -5.90 -9.28
C ALA B 19 0.18 -7.45 -9.35
N GLU B 20 0.23 -8.13 -8.19
CA GLU B 20 0.34 -9.59 -8.08
C GLU B 20 -0.88 -10.36 -8.63
N ARG B 21 -2.10 -9.79 -8.54
CA ARG B 21 -3.36 -10.39 -9.00
C ARG B 21 -3.47 -10.60 -10.53
N ARG B 22 -2.63 -9.93 -11.32
CA ARG B 22 -2.69 -9.84 -12.80
C ARG B 22 -2.38 -11.18 -13.50
N GLU B 1 6.97 9.27 11.04
CA GLU B 1 7.26 9.82 9.68
C GLU B 1 6.18 9.36 8.69
N SER B 2 5.75 10.23 7.77
CA SER B 2 4.64 10.00 6.82
C SER B 2 4.74 8.67 6.05
N LYS B 3 5.93 8.35 5.53
CA LYS B 3 6.25 7.11 4.78
C LYS B 3 6.26 5.83 5.66
N GLY B 4 6.25 5.99 6.98
CA GLY B 4 6.21 4.93 7.99
C GLY B 4 4.86 4.77 8.69
N THR B 5 3.86 5.60 8.37
CA THR B 5 2.49 5.49 8.89
C THR B 5 1.84 4.14 8.55
N ALA B 6 0.88 3.70 9.37
CA ALA B 6 0.06 2.53 9.04
C ALA B 6 -0.77 2.74 7.75
N LYS B 7 -1.14 3.99 7.44
CA LYS B 7 -1.75 4.41 6.16
C LYS B 7 -0.82 4.09 4.98
N SER B 8 0.42 4.58 5.00
CA SER B 8 1.43 4.32 3.96
C SER B 8 1.76 2.82 3.84
N ARG B 9 1.95 2.13 4.97
CA ARG B 9 2.21 0.68 5.05
C ARG B 9 1.08 -0.17 4.46
N TYR B 10 -0.18 0.17 4.74
CA TYR B 10 -1.35 -0.39 4.07
C TYR B 10 -1.37 -0.08 2.56
N LYS B 11 -1.16 1.18 2.17
CA LYS B 11 -1.13 1.61 0.76
C LYS B 11 -0.09 0.85 -0.07
N ALA B 12 1.09 0.55 0.49
CA ALA B 12 2.09 -0.31 -0.14
C ALA B 12 1.53 -1.72 -0.44
N ARG B 13 0.94 -2.40 0.56
CA ARG B 13 0.26 -3.70 0.42
C ARG B 13 -0.86 -3.67 -0.63
N ARG B 14 -1.68 -2.61 -0.63
CA ARG B 14 -2.75 -2.33 -1.61
C ARG B 14 -2.20 -2.25 -3.03
N ALA B 15 -1.32 -1.28 -3.24
CA ALA B 15 -0.74 -0.90 -4.53
C ALA B 15 -0.04 -2.07 -5.26
N GLU B 16 0.66 -2.96 -4.54
CA GLU B 16 1.33 -4.13 -5.14
C GLU B 16 0.35 -5.14 -5.78
N LEU B 17 -0.91 -5.21 -5.34
CA LEU B 17 -1.93 -6.04 -5.97
C LEU B 17 -2.31 -5.52 -7.38
N ILE B 18 -2.29 -4.20 -7.59
CA ILE B 18 -2.54 -3.55 -8.89
C ILE B 18 -1.35 -3.78 -9.86
N ALA B 19 -0.15 -4.06 -9.35
CA ALA B 19 0.99 -4.52 -10.15
C ALA B 19 0.93 -6.02 -10.47
N GLU B 20 0.65 -6.88 -9.48
CA GLU B 20 0.60 -8.35 -9.62
C GLU B 20 -0.63 -8.87 -10.39
N ARG B 21 -1.76 -8.16 -10.33
CA ARG B 21 -3.05 -8.43 -11.02
C ARG B 21 -3.50 -9.89 -10.93
N ARG B 22 -3.54 -10.40 -9.69
CA ARG B 22 -3.98 -11.76 -9.31
C ARG B 22 -5.41 -12.10 -9.78
N GLU B 1 9.32 7.40 -1.41
CA GLU B 1 9.06 6.77 -0.09
C GLU B 1 7.84 7.39 0.62
N SER B 2 7.38 6.76 1.70
CA SER B 2 6.32 7.26 2.60
C SER B 2 6.71 7.06 4.08
N LYS B 3 5.81 7.42 5.00
CA LYS B 3 5.99 7.50 6.46
C LYS B 3 6.33 6.15 7.11
N GLY B 4 5.91 5.04 6.51
CA GLY B 4 6.11 3.67 7.01
C GLY B 4 5.12 3.23 8.09
N THR B 5 4.11 4.04 8.38
CA THR B 5 3.01 3.75 9.35
C THR B 5 2.09 2.63 8.88
N ALA B 6 1.20 2.17 9.76
CA ALA B 6 0.13 1.20 9.45
C ALA B 6 -0.74 1.62 8.24
N LYS B 7 -1.07 2.92 8.12
CA LYS B 7 -1.76 3.49 6.94
C LYS B 7 -0.90 3.39 5.67
N SER B 8 0.36 3.83 5.75
CA SER B 8 1.32 3.78 4.62
C SER B 8 1.52 2.34 4.11
N ARG B 9 1.72 1.40 5.05
CA ARG B 9 1.82 -0.05 4.88
C ARG B 9 0.60 -0.64 4.17
N TYR B 10 -0.61 -0.36 4.66
CA TYR B 10 -1.84 -0.87 4.05
C TYR B 10 -2.08 -0.29 2.65
N LYS B 11 -1.87 1.01 2.45
CA LYS B 11 -1.98 1.68 1.14
C LYS B 11 -0.99 1.07 0.12
N ALA B 12 0.24 0.80 0.54
CA ALA B 12 1.22 0.05 -0.27
C ALA B 12 0.73 -1.38 -0.60
N ARG B 13 0.18 -2.13 0.37
CA ARG B 13 -0.40 -3.47 0.17
C ARG B 13 -1.50 -3.47 -0.91
N ARG B 14 -2.42 -2.51 -0.86
CA ARG B 14 -3.46 -2.26 -1.89
C ARG B 14 -2.84 -1.92 -3.26
N ALA B 15 -1.91 -0.96 -3.31
CA ALA B 15 -1.26 -0.51 -4.54
C ALA B 15 -0.49 -1.60 -5.29
N GLU B 16 0.31 -2.42 -4.59
CA GLU B 16 1.18 -3.45 -5.19
C GLU B 16 0.41 -4.57 -5.91
N LEU B 17 -0.87 -4.80 -5.59
CA LEU B 17 -1.71 -5.80 -6.25
C LEU B 17 -1.91 -5.52 -7.75
N ILE B 18 -1.95 -4.24 -8.15
CA ILE B 18 -2.24 -3.80 -9.53
C ILE B 18 -1.14 -4.24 -10.53
N ALA B 19 0.05 -4.60 -10.06
CA ALA B 19 1.12 -5.21 -10.86
C ALA B 19 0.83 -6.65 -11.31
N GLU B 20 -0.14 -7.35 -10.70
CA GLU B 20 -0.49 -8.75 -10.99
C GLU B 20 -1.99 -8.99 -11.26
N ARG B 21 -2.88 -8.30 -10.54
CA ARG B 21 -4.35 -8.29 -10.70
C ARG B 21 -5.04 -9.67 -10.51
N ARG B 22 -4.31 -10.63 -9.91
CA ARG B 22 -4.72 -12.02 -9.60
C ARG B 22 -5.92 -12.09 -8.64
N GLU B 1 0.74 12.69 4.30
CA GLU B 1 1.94 13.36 3.71
C GLU B 1 3.25 12.61 4.01
N SER B 2 3.65 12.48 5.29
CA SER B 2 5.00 11.99 5.69
C SER B 2 5.02 10.99 6.86
N LYS B 3 3.87 10.71 7.51
CA LYS B 3 3.79 9.74 8.62
C LYS B 3 4.00 8.29 8.15
N GLY B 4 4.46 7.43 9.07
CA GLY B 4 4.64 5.98 8.90
C GLY B 4 3.51 5.12 9.51
N THR B 5 2.37 5.74 9.83
CA THR B 5 1.18 5.11 10.42
C THR B 5 0.52 4.09 9.49
N ALA B 6 -0.36 3.26 10.04
CA ALA B 6 -0.99 2.14 9.35
C ALA B 6 -1.75 2.54 8.06
N LYS B 7 -2.37 3.74 8.02
CA LYS B 7 -2.97 4.31 6.80
C LYS B 7 -1.96 4.43 5.65
N SER B 8 -0.84 5.12 5.89
CA SER B 8 0.23 5.33 4.91
C SER B 8 0.86 4.01 4.42
N ARG B 9 1.05 3.04 5.32
CA ARG B 9 1.52 1.69 4.98
C ARG B 9 0.52 0.95 4.08
N TYR B 10 -0.75 0.90 4.46
CA TYR B 10 -1.78 0.18 3.71
C TYR B 10 -2.06 0.76 2.32
N LYS B 11 -2.01 2.10 2.17
CA LYS B 11 -2.05 2.81 0.88
C LYS B 11 -1.02 2.25 -0.12
N ALA B 12 0.22 2.03 0.31
CA ALA B 12 1.24 1.37 -0.50
C ALA B 12 0.93 -0.13 -0.74
N ARG B 13 0.56 -0.88 0.31
CA ARG B 13 0.29 -2.33 0.25
C ARG B 13 -0.88 -2.72 -0.67
N ARG B 14 -1.92 -1.89 -0.82
CA ARG B 14 -3.04 -2.12 -1.77
C ARG B 14 -2.57 -2.33 -3.21
N ALA B 15 -1.64 -1.51 -3.69
CA ALA B 15 -1.07 -1.62 -5.04
C ALA B 15 -0.35 -2.97 -5.28
N GLU B 16 0.33 -3.50 -4.26
CA GLU B 16 0.94 -4.83 -4.29
C GLU B 16 -0.10 -5.96 -4.18
N LEU B 17 -1.06 -5.83 -3.26
CA LEU B 17 -2.11 -6.81 -2.97
C LEU B 17 -2.99 -7.14 -4.18
N ILE B 18 -3.22 -6.19 -5.10
CA ILE B 18 -3.97 -6.38 -6.35
C ILE B 18 -3.37 -7.48 -7.26
N ALA B 19 -2.08 -7.82 -7.12
CA ALA B 19 -1.46 -8.96 -7.80
C ALA B 19 -1.93 -10.34 -7.29
N GLU B 20 -2.52 -10.41 -6.08
CA GLU B 20 -3.09 -11.61 -5.45
C GLU B 20 -4.61 -11.55 -5.26
N ARG B 21 -5.18 -10.35 -5.13
CA ARG B 21 -6.61 -10.00 -4.96
C ARG B 21 -7.39 -10.98 -4.07
N ARG B 22 -6.83 -11.21 -2.87
CA ARG B 22 -7.34 -12.06 -1.78
C ARG B 22 -8.77 -11.71 -1.35
N GLU B 1 -3.10 14.98 1.33
CA GLU B 1 -2.11 15.81 2.04
C GLU B 1 -1.48 15.06 3.24
N SER B 2 -0.25 15.44 3.61
CA SER B 2 0.49 14.96 4.80
C SER B 2 0.58 13.41 4.93
N LYS B 3 0.77 12.72 3.80
CA LYS B 3 0.93 11.25 3.73
C LYS B 3 2.18 10.72 4.46
N GLY B 4 2.23 9.40 4.63
CA GLY B 4 3.26 8.65 5.39
C GLY B 4 2.73 7.95 6.65
N THR B 5 1.42 7.99 6.89
CA THR B 5 0.72 7.38 8.04
C THR B 5 0.56 5.86 7.89
N ALA B 6 -0.01 5.20 8.91
CA ALA B 6 -0.49 3.82 8.83
C ALA B 6 -1.50 3.61 7.69
N LYS B 7 -2.36 4.61 7.40
CA LYS B 7 -3.33 4.58 6.30
C LYS B 7 -2.65 4.73 4.94
N SER B 8 -1.66 5.60 4.84
CA SER B 8 -0.78 5.73 3.64
C SER B 8 -0.01 4.44 3.35
N ARG B 9 0.54 3.81 4.40
CA ARG B 9 1.23 2.51 4.36
C ARG B 9 0.28 1.39 3.92
N TYR B 10 -0.97 1.36 4.39
CA TYR B 10 -1.97 0.40 3.93
C TYR B 10 -2.39 0.63 2.46
N LYS B 11 -2.55 1.89 2.03
CA LYS B 11 -2.74 2.25 0.61
C LYS B 11 -1.59 1.73 -0.26
N ALA B 12 -0.33 1.90 0.18
CA ALA B 12 0.84 1.32 -0.48
C ALA B 12 0.79 -0.23 -0.51
N ARG B 13 0.45 -0.89 0.60
CA ARG B 13 0.26 -2.35 0.72
C ARG B 13 -0.73 -2.90 -0.33
N ARG B 14 -1.89 -2.25 -0.49
CA ARG B 14 -2.87 -2.50 -1.56
C ARG B 14 -2.30 -2.23 -2.95
N ALA B 15 -1.76 -1.02 -3.18
CA ALA B 15 -1.24 -0.58 -4.48
C ALA B 15 -0.13 -1.50 -5.06
N GLU B 16 0.77 -2.02 -4.21
CA GLU B 16 1.80 -2.99 -4.61
C GLU B 16 1.18 -4.32 -5.11
N LEU B 17 0.22 -4.88 -4.39
CA LEU B 17 -0.52 -6.09 -4.82
C LEU B 17 -1.27 -5.83 -6.15
N ILE B 18 -1.89 -4.67 -6.29
CA ILE B 18 -2.60 -4.20 -7.50
C ILE B 18 -1.62 -3.93 -8.68
N ALA B 19 -0.32 -3.75 -8.44
CA ALA B 19 0.71 -3.73 -9.47
C ALA B 19 1.21 -5.14 -9.84
N GLU B 20 1.36 -6.05 -8.87
CA GLU B 20 1.77 -7.45 -9.08
C GLU B 20 0.72 -8.28 -9.84
N ARG B 21 -0.57 -8.12 -9.50
CA ARG B 21 -1.74 -8.80 -10.11
C ARG B 21 -1.64 -10.34 -10.18
N ARG B 22 -0.92 -10.94 -9.23
CA ARG B 22 -0.60 -12.38 -9.13
C ARG B 22 -0.78 -12.91 -7.70
N GLU B 1 8.13 9.54 1.04
CA GLU B 1 6.77 9.10 0.63
C GLU B 1 5.98 8.50 1.80
N SER B 2 6.40 7.36 2.34
CA SER B 2 5.77 6.69 3.50
C SER B 2 5.89 7.53 4.78
N LYS B 3 4.81 7.59 5.55
CA LYS B 3 4.77 8.10 6.93
C LYS B 3 5.44 7.15 7.94
N GLY B 4 5.68 5.89 7.54
CA GLY B 4 6.28 4.84 8.37
C GLY B 4 5.27 4.08 9.26
N THR B 5 3.96 4.35 9.09
CA THR B 5 2.86 3.82 9.92
C THR B 5 1.95 2.84 9.17
N ALA B 6 1.04 2.19 9.88
CA ALA B 6 0.11 1.17 9.38
C ALA B 6 -0.71 1.62 8.16
N LYS B 7 -1.12 2.90 8.11
CA LYS B 7 -1.84 3.44 6.95
C LYS B 7 -0.97 3.51 5.68
N SER B 8 0.30 3.90 5.80
CA SER B 8 1.28 3.86 4.71
C SER B 8 1.64 2.44 4.30
N ARG B 9 1.86 1.53 5.27
CA ARG B 9 2.08 0.10 5.04
C ARG B 9 0.94 -0.53 4.22
N TYR B 10 -0.30 -0.31 4.65
CA TYR B 10 -1.47 -0.87 3.96
C TYR B 10 -1.75 -0.22 2.60
N LYS B 11 -1.55 1.11 2.45
CA LYS B 11 -1.65 1.79 1.15
C LYS B 11 -0.65 1.22 0.12
N ALA B 12 0.57 0.88 0.55
CA ALA B 12 1.53 0.16 -0.29
C ALA B 12 1.03 -1.23 -0.74
N ARG B 13 0.38 -2.01 0.15
CA ARG B 13 -0.28 -3.28 -0.21
C ARG B 13 -1.42 -3.08 -1.23
N ARG B 14 -2.29 -2.08 -1.05
CA ARG B 14 -3.38 -1.73 -1.99
C ARG B 14 -2.86 -1.19 -3.33
N ALA B 15 -1.68 -0.59 -3.38
CA ALA B 15 -0.97 -0.27 -4.63
C ALA B 15 -0.44 -1.54 -5.32
N GLU B 16 0.24 -2.44 -4.60
CA GLU B 16 0.72 -3.73 -5.14
C GLU B 16 -0.41 -4.65 -5.63
N LEU B 17 -1.61 -4.54 -5.06
CA LEU B 17 -2.82 -5.26 -5.47
C LEU B 17 -3.22 -5.02 -6.94
N ILE B 18 -2.83 -3.88 -7.53
CA ILE B 18 -3.07 -3.56 -8.96
C ILE B 18 -2.62 -4.71 -9.87
N ALA B 19 -1.48 -5.34 -9.59
CA ALA B 19 -0.93 -6.46 -10.35
C ALA B 19 -1.84 -7.72 -10.41
N GLU B 20 -2.87 -7.80 -9.56
CA GLU B 20 -3.86 -8.89 -9.51
C GLU B 20 -5.28 -8.47 -9.98
N ARG B 21 -5.52 -7.18 -10.24
CA ARG B 21 -6.84 -6.63 -10.66
C ARG B 21 -6.83 -5.76 -11.93
N ARG B 22 -5.67 -5.41 -12.49
CA ARG B 22 -5.51 -4.65 -13.74
C ARG B 22 -6.09 -5.39 -14.96
N GLU B 1 3.47 11.12 -3.06
CA GLU B 1 4.15 11.44 -1.76
C GLU B 1 3.74 10.43 -0.69
N SER B 2 4.60 10.21 0.31
CA SER B 2 4.33 9.37 1.49
C SER B 2 4.95 9.97 2.76
N LYS B 3 4.17 9.98 3.86
CA LYS B 3 4.57 10.46 5.19
C LYS B 3 4.21 9.49 6.32
N GLY B 4 4.44 9.88 7.58
CA GLY B 4 4.21 9.05 8.78
C GLY B 4 2.73 8.84 9.12
N THR B 5 2.07 7.93 8.39
CA THR B 5 0.75 7.35 8.69
C THR B 5 0.76 5.84 8.41
N ALA B 6 -0.35 5.13 8.67
CA ALA B 6 -0.58 3.82 8.04
C ALA B 6 -0.98 3.95 6.56
N LYS B 7 -1.94 4.82 6.22
CA LYS B 7 -2.51 5.00 4.86
C LYS B 7 -1.46 5.09 3.75
N SER B 8 -0.47 5.96 3.94
CA SER B 8 0.68 6.18 3.05
C SER B 8 1.42 4.87 2.70
N ARG B 9 1.74 4.05 3.72
CA ARG B 9 2.33 2.71 3.59
C ARG B 9 1.35 1.65 3.08
N TYR B 10 0.09 1.69 3.51
CA TYR B 10 -0.98 0.75 3.13
C TYR B 10 -1.30 0.82 1.62
N LYS B 11 -1.08 1.96 0.97
CA LYS B 11 -1.11 2.12 -0.49
C LYS B 11 -0.14 1.16 -1.21
N ALA B 12 1.06 0.94 -0.67
CA ALA B 12 1.99 -0.08 -1.16
C ALA B 12 1.50 -1.51 -0.86
N ARG B 13 0.95 -1.77 0.34
CA ARG B 13 0.35 -3.05 0.74
C ARG B 13 -0.78 -3.49 -0.21
N ARG B 14 -1.67 -2.57 -0.58
CA ARG B 14 -2.71 -2.69 -1.61
C ARG B 14 -2.14 -3.01 -3.00
N ALA B 15 -1.12 -2.27 -3.45
CA ALA B 15 -0.52 -2.40 -4.77
C ALA B 15 0.00 -3.83 -5.09
N GLU B 16 0.49 -4.56 -4.08
CA GLU B 16 0.93 -5.96 -4.23
C GLU B 16 -0.18 -6.91 -4.71
N LEU B 17 -1.41 -6.74 -4.22
CA LEU B 17 -2.60 -7.46 -4.70
C LEU B 17 -3.01 -6.98 -6.11
N ILE B 18 -3.08 -5.66 -6.31
CA ILE B 18 -3.54 -5.03 -7.56
C ILE B 18 -2.64 -5.41 -8.76
N ALA B 19 -1.33 -5.62 -8.53
CA ALA B 19 -0.40 -6.14 -9.54
C ALA B 19 -0.79 -7.54 -10.09
N GLU B 20 -1.47 -8.38 -9.30
CA GLU B 20 -2.05 -9.66 -9.76
C GLU B 20 -3.50 -9.51 -10.26
N ARG B 21 -4.25 -8.52 -9.76
CA ARG B 21 -5.63 -8.19 -10.19
C ARG B 21 -5.71 -7.66 -11.62
N ARG B 22 -4.67 -6.93 -12.06
CA ARG B 22 -4.51 -6.32 -13.40
C ARG B 22 -4.75 -7.30 -14.56
N GLU B 1 10.18 2.69 8.08
CA GLU B 1 9.94 3.70 7.01
C GLU B 1 9.84 5.10 7.62
N SER B 2 10.63 6.07 7.13
CA SER B 2 10.75 7.43 7.69
C SER B 2 9.44 8.23 7.75
N LYS B 3 8.46 7.90 6.89
CA LYS B 3 7.11 8.49 6.88
C LYS B 3 6.21 8.06 8.06
N GLY B 4 6.59 7.02 8.80
CA GLY B 4 6.01 6.60 10.08
C GLY B 4 4.65 5.90 10.00
N THR B 5 3.60 6.60 9.56
CA THR B 5 2.19 6.18 9.75
C THR B 5 1.86 4.80 9.17
N ALA B 6 1.07 4.03 9.93
CA ALA B 6 0.55 2.73 9.49
C ALA B 6 -0.36 2.86 8.26
N LYS B 7 -1.16 3.94 8.17
CA LYS B 7 -2.07 4.22 7.04
C LYS B 7 -1.33 4.46 5.72
N SER B 8 -0.16 5.11 5.74
CA SER B 8 0.67 5.29 4.53
C SER B 8 1.44 4.03 4.13
N ARG B 9 1.87 3.20 5.09
CA ARG B 9 2.42 1.85 4.83
C ARG B 9 1.36 0.91 4.24
N TYR B 10 0.12 0.97 4.73
CA TYR B 10 -1.06 0.36 4.12
C TYR B 10 -1.31 0.88 2.69
N LYS B 11 -1.25 2.19 2.44
CA LYS B 11 -1.40 2.80 1.10
C LYS B 11 -0.40 2.29 0.06
N ALA B 12 0.82 1.92 0.46
CA ALA B 12 1.77 1.21 -0.40
C ALA B 12 1.27 -0.21 -0.76
N ARG B 13 1.03 -1.05 0.25
CA ARG B 13 0.44 -2.41 0.17
C ARG B 13 -0.84 -2.47 -0.68
N ARG B 14 -1.72 -1.48 -0.56
CA ARG B 14 -2.94 -1.28 -1.35
C ARG B 14 -2.66 -1.31 -2.86
N ALA B 15 -1.75 -0.47 -3.34
CA ALA B 15 -1.39 -0.41 -4.76
C ALA B 15 -0.72 -1.71 -5.29
N GLU B 16 -0.13 -2.54 -4.42
CA GLU B 16 0.29 -3.90 -4.78
C GLU B 16 -0.93 -4.84 -4.96
N LEU B 17 -1.84 -4.85 -3.98
CA LEU B 17 -3.03 -5.70 -3.93
C LEU B 17 -4.01 -5.44 -5.10
N ILE B 18 -4.31 -4.18 -5.41
CA ILE B 18 -5.29 -3.78 -6.45
C ILE B 18 -4.93 -4.21 -7.87
N ALA B 19 -3.68 -4.61 -8.13
CA ALA B 19 -3.27 -5.23 -9.40
C ALA B 19 -3.89 -6.62 -9.62
N GLU B 20 -4.35 -7.29 -8.55
CA GLU B 20 -4.94 -8.64 -8.56
C GLU B 20 -6.29 -8.74 -7.80
N ARG B 21 -6.64 -7.72 -7.01
CA ARG B 21 -7.76 -7.68 -6.04
C ARG B 21 -7.89 -8.98 -5.23
N ARG B 22 -6.80 -9.29 -4.52
CA ARG B 22 -6.54 -10.52 -3.75
C ARG B 22 -7.65 -10.86 -2.74
N GLU B 1 9.52 7.34 -2.07
CA GLU B 1 9.46 6.40 -0.93
C GLU B 1 8.19 6.61 -0.11
N SER B 2 7.56 5.53 0.38
CA SER B 2 6.36 5.56 1.22
C SER B 2 6.60 6.32 2.54
N LYS B 3 5.77 7.33 2.81
CA LYS B 3 5.77 8.11 4.07
C LYS B 3 5.35 7.25 5.28
N GLY B 4 5.52 7.79 6.49
CA GLY B 4 5.44 7.03 7.75
C GLY B 4 4.04 6.81 8.34
N THR B 5 2.98 7.46 7.82
CA THR B 5 1.62 7.29 8.35
C THR B 5 1.08 5.87 8.14
N ALA B 6 0.07 5.48 8.92
CA ALA B 6 -0.60 4.18 8.78
C ALA B 6 -1.20 4.00 7.37
N LYS B 7 -1.83 5.05 6.82
CA LYS B 7 -2.38 5.08 5.45
C LYS B 7 -1.27 4.92 4.39
N SER B 8 -0.17 5.66 4.53
CA SER B 8 0.97 5.62 3.61
C SER B 8 1.67 4.27 3.57
N ARG B 9 1.97 3.68 4.74
CA ARG B 9 2.60 2.35 4.84
C ARG B 9 1.70 1.23 4.31
N TYR B 10 0.39 1.28 4.59
CA TYR B 10 -0.59 0.31 4.08
C TYR B 10 -0.73 0.33 2.54
N LYS B 11 -0.41 1.44 1.86
CA LYS B 11 -0.46 1.55 0.40
C LYS B 11 0.46 0.57 -0.35
N ALA B 12 1.47 0.00 0.31
CA ALA B 12 2.23 -1.15 -0.19
C ALA B 12 1.35 -2.41 -0.33
N ARG B 13 0.49 -2.70 0.66
CA ARG B 13 -0.52 -3.77 0.64
C ARG B 13 -1.51 -3.59 -0.52
N ARG B 14 -1.97 -2.35 -0.74
CA ARG B 14 -2.78 -1.97 -1.92
C ARG B 14 -2.06 -2.27 -3.25
N ALA B 15 -0.82 -1.82 -3.42
CA ALA B 15 -0.03 -2.06 -4.63
C ALA B 15 0.12 -3.56 -4.96
N GLU B 16 0.37 -4.41 -3.95
CA GLU B 16 0.38 -5.87 -4.10
C GLU B 16 -1.01 -6.42 -4.46
N LEU B 17 -2.07 -6.01 -3.76
CA LEU B 17 -3.46 -6.43 -4.04
C LEU B 17 -3.92 -6.08 -5.46
N ILE B 18 -3.52 -4.92 -5.98
CA ILE B 18 -3.77 -4.44 -7.35
C ILE B 18 -3.06 -5.29 -8.43
N ALA B 19 -2.00 -6.02 -8.08
CA ALA B 19 -1.43 -7.09 -8.90
C ALA B 19 -2.16 -8.43 -8.71
N GLU B 20 -2.42 -8.83 -7.46
CA GLU B 20 -3.03 -10.13 -7.10
C GLU B 20 -4.50 -10.29 -7.57
N ARG B 21 -5.26 -9.20 -7.72
CA ARG B 21 -6.67 -9.22 -8.17
C ARG B 21 -6.88 -9.65 -9.63
N ARG B 22 -5.82 -9.62 -10.45
CA ARG B 22 -5.84 -9.78 -11.91
C ARG B 22 -6.14 -11.23 -12.37
N GLU B 1 7.34 4.04 4.63
CA GLU B 1 7.98 4.98 3.67
C GLU B 1 7.21 6.30 3.64
N SER B 2 7.90 7.44 3.75
CA SER B 2 7.38 8.81 4.02
C SER B 2 6.73 8.96 5.40
N LYS B 3 5.79 8.06 5.75
CA LYS B 3 5.05 7.99 7.02
C LYS B 3 5.03 6.55 7.56
N GLY B 4 4.51 6.37 8.77
CA GLY B 4 4.47 5.08 9.49
C GLY B 4 3.09 4.62 9.95
N THR B 5 2.03 5.39 9.71
CA THR B 5 0.65 5.04 10.11
C THR B 5 0.06 3.94 9.22
N ALA B 6 -0.93 3.20 9.74
CA ALA B 6 -1.57 2.12 9.00
C ALA B 6 -2.38 2.62 7.78
N LYS B 7 -2.98 3.82 7.86
CA LYS B 7 -3.59 4.55 6.73
C LYS B 7 -2.60 4.83 5.59
N SER B 8 -1.32 5.04 5.92
CA SER B 8 -0.22 5.17 4.95
C SER B 8 0.26 3.80 4.44
N ARG B 9 0.56 2.85 5.35
CA ARG B 9 1.04 1.49 5.05
C ARG B 9 0.14 0.71 4.10
N TYR B 10 -1.18 0.91 4.21
CA TYR B 10 -2.17 0.21 3.38
C TYR B 10 -2.02 0.48 1.87
N LYS B 11 -1.51 1.65 1.46
CA LYS B 11 -1.22 1.95 0.05
C LYS B 11 -0.25 0.93 -0.56
N ALA B 12 0.81 0.56 0.16
CA ALA B 12 1.74 -0.49 -0.25
C ALA B 12 1.02 -1.85 -0.42
N ARG B 13 0.17 -2.23 0.55
CA ARG B 13 -0.62 -3.49 0.52
C ARG B 13 -1.61 -3.54 -0.66
N ARG B 14 -2.30 -2.44 -0.97
CA ARG B 14 -3.16 -2.30 -2.16
C ARG B 14 -2.36 -2.30 -3.47
N ALA B 15 -1.24 -1.58 -3.54
CA ALA B 15 -0.43 -1.42 -4.75
C ALA B 15 0.15 -2.74 -5.32
N GLU B 16 0.27 -3.80 -4.50
CA GLU B 16 0.65 -5.14 -4.97
C GLU B 16 -0.33 -5.72 -6.02
N LEU B 17 -1.59 -5.27 -6.04
CA LEU B 17 -2.58 -5.63 -7.08
C LEU B 17 -2.24 -5.07 -8.46
N ILE B 18 -1.57 -3.91 -8.54
CA ILE B 18 -1.30 -3.18 -9.79
C ILE B 18 -0.42 -4.00 -10.76
N ALA B 19 0.38 -4.94 -10.24
CA ALA B 19 1.17 -5.90 -11.02
C ALA B 19 0.32 -6.88 -11.88
N GLU B 20 -0.99 -7.01 -11.60
CA GLU B 20 -1.93 -7.85 -12.35
C GLU B 20 -3.19 -7.09 -12.83
N ARG B 21 -3.69 -6.13 -12.02
CA ARG B 21 -4.82 -5.21 -12.26
C ARG B 21 -6.15 -5.90 -12.67
N ARG B 22 -6.31 -7.19 -12.39
CA ARG B 22 -7.48 -8.04 -12.69
C ARG B 22 -7.81 -8.98 -11.51
N GLU B 1 0.18 10.45 2.82
CA GLU B 1 1.65 10.38 2.58
C GLU B 1 2.25 9.07 3.11
N SER B 2 3.44 8.68 2.62
CA SER B 2 4.16 7.45 2.99
C SER B 2 4.81 7.52 4.39
N LYS B 3 3.98 7.62 5.45
CA LYS B 3 4.39 7.70 6.86
C LYS B 3 5.13 6.46 7.36
N GLY B 4 4.75 5.28 6.86
CA GLY B 4 5.27 3.96 7.24
C GLY B 4 4.37 3.19 8.24
N THR B 5 3.34 3.84 8.79
CA THR B 5 2.29 3.23 9.62
C THR B 5 1.34 2.35 8.81
N ALA B 6 0.48 1.58 9.50
CA ALA B 6 -0.50 0.67 8.93
C ALA B 6 -1.32 1.25 7.76
N LYS B 7 -1.75 2.51 7.83
CA LYS B 7 -2.58 3.15 6.79
C LYS B 7 -1.82 3.27 5.46
N SER B 8 -0.66 3.94 5.48
CA SER B 8 0.21 4.09 4.31
C SER B 8 0.82 2.77 3.84
N ARG B 9 1.16 1.86 4.76
CA ARG B 9 1.60 0.47 4.46
C ARG B 9 0.53 -0.32 3.72
N TYR B 10 -0.73 -0.27 4.15
CA TYR B 10 -1.84 -0.96 3.48
C TYR B 10 -2.06 -0.42 2.05
N LYS B 11 -2.02 0.91 1.86
CA LYS B 11 -2.01 1.54 0.53
C LYS B 11 -0.88 1.00 -0.36
N ALA B 12 0.35 0.98 0.14
CA ALA B 12 1.50 0.41 -0.56
C ALA B 12 1.30 -1.08 -0.93
N ARG B 13 0.81 -1.91 0.01
CA ARG B 13 0.47 -3.33 -0.24
C ARG B 13 -0.58 -3.50 -1.34
N ARG B 14 -1.72 -2.80 -1.27
CA ARG B 14 -2.76 -2.81 -2.33
C ARG B 14 -2.21 -2.40 -3.70
N ALA B 15 -1.33 -1.40 -3.74
CA ALA B 15 -0.68 -0.91 -4.96
C ALA B 15 0.31 -1.92 -5.57
N GLU B 16 1.20 -2.50 -4.76
CA GLU B 16 2.15 -3.54 -5.21
C GLU B 16 1.44 -4.81 -5.70
N LEU B 17 0.31 -5.18 -5.08
CA LEU B 17 -0.52 -6.33 -5.45
C LEU B 17 -1.09 -6.25 -6.89
N ILE B 18 -1.23 -5.05 -7.46
CA ILE B 18 -1.67 -4.83 -8.86
C ILE B 18 -0.81 -5.60 -9.88
N ALA B 19 0.46 -5.88 -9.57
CA ALA B 19 1.35 -6.71 -10.38
C ALA B 19 0.80 -8.14 -10.67
N GLU B 20 -0.13 -8.64 -9.88
CA GLU B 20 -0.88 -9.90 -10.10
C GLU B 20 -2.40 -9.73 -10.14
N ARG B 21 -2.94 -8.66 -9.51
CA ARG B 21 -4.38 -8.34 -9.40
C ARG B 21 -4.98 -7.61 -10.62
N ARG B 22 -4.15 -7.04 -11.50
CA ARG B 22 -4.55 -6.44 -12.80
C ARG B 22 -5.29 -7.43 -13.70
N GLU B 1 4.95 18.17 8.99
CA GLU B 1 3.91 17.09 8.88
C GLU B 1 4.56 15.70 8.90
N SER B 2 5.28 15.32 7.83
CA SER B 2 6.09 14.08 7.68
C SER B 2 5.34 12.72 7.71
N LYS B 3 4.04 12.73 8.03
CA LYS B 3 3.09 11.60 8.05
C LYS B 3 3.66 10.30 8.66
N GLY B 4 3.96 9.28 7.84
CA GLY B 4 4.57 8.01 8.28
C GLY B 4 3.66 7.08 9.09
N THR B 5 2.36 7.37 9.21
CA THR B 5 1.37 6.58 9.96
C THR B 5 1.17 5.19 9.36
N ALA B 6 0.49 4.30 10.10
CA ALA B 6 0.05 3.00 9.58
C ALA B 6 -0.83 3.15 8.32
N LYS B 7 -1.73 4.14 8.31
CA LYS B 7 -2.59 4.49 7.16
C LYS B 7 -1.78 4.99 5.95
N SER B 8 -0.76 5.82 6.20
CA SER B 8 0.18 6.30 5.16
C SER B 8 0.98 5.16 4.53
N ARG B 9 1.54 4.26 5.35
CA ARG B 9 2.27 3.07 4.90
C ARG B 9 1.36 2.02 4.22
N TYR B 10 0.11 1.90 4.66
CA TYR B 10 -0.90 1.03 4.03
C TYR B 10 -1.22 1.43 2.57
N LYS B 11 -1.03 2.69 2.18
CA LYS B 11 -1.19 3.15 0.78
C LYS B 11 -0.27 2.41 -0.21
N ALA B 12 0.90 1.93 0.23
CA ALA B 12 1.73 1.00 -0.53
C ALA B 12 1.15 -0.45 -0.50
N ARG B 13 0.80 -0.94 0.69
CA ARG B 13 0.24 -2.29 0.95
C ARG B 13 -1.10 -2.56 0.25
N ARG B 14 -1.88 -1.52 -0.11
CA ARG B 14 -3.03 -1.58 -1.02
C ARG B 14 -2.72 -2.36 -2.30
N ALA B 15 -1.64 -2.02 -3.01
CA ALA B 15 -1.22 -2.70 -4.23
C ALA B 15 -0.90 -4.20 -4.01
N GLU B 16 -0.23 -4.52 -2.90
CA GLU B 16 0.08 -5.90 -2.50
C GLU B 16 -1.19 -6.72 -2.18
N LEU B 17 -2.21 -6.10 -1.57
CA LEU B 17 -3.52 -6.69 -1.35
C LEU B 17 -4.30 -6.89 -2.67
N ILE B 18 -4.38 -5.86 -3.51
CA ILE B 18 -5.08 -5.87 -4.82
C ILE B 18 -4.59 -7.02 -5.72
N ALA B 19 -3.32 -7.40 -5.63
CA ALA B 19 -2.74 -8.54 -6.35
C ALA B 19 -3.40 -9.92 -6.05
N GLU B 20 -4.19 -10.03 -4.98
CA GLU B 20 -5.02 -11.23 -4.67
C GLU B 20 -6.50 -10.91 -4.38
N ARG B 21 -6.82 -9.72 -3.86
CA ARG B 21 -8.19 -9.22 -3.63
C ARG B 21 -8.95 -8.89 -4.93
N ARG B 22 -8.21 -8.43 -5.96
CA ARG B 22 -8.71 -7.76 -7.18
C ARG B 22 -9.73 -6.66 -6.86
#